data_2C7B
#
_entry.id   2C7B
#
_cell.length_a   73.710
_cell.length_b   73.710
_cell.length_c   234.230
_cell.angle_alpha   90.00
_cell.angle_beta   90.00
_cell.angle_gamma   90.00
#
_symmetry.space_group_name_H-M   'P 41 21 2'
#
loop_
_entity.id
_entity.type
_entity.pdbx_description
1 polymer CARBOXYLESTERASE
2 water water
#
_entity_poly.entity_id   1
_entity_poly.type   'polypeptide(L)'
_entity_poly.pdbx_seq_one_letter_code
;(MSE)PLDPQIKPILERIRALSIAASPQELRRQVEEQSRLLTAAVQEPIAETRDVHIPVSGGSIRARVYFPKKAAGLPAV
LYYHGGGFVFGSIETHDHICRRLSRLSDSVVVSVDYRLAPEYKFPTAVEDAYAALKWVADRADELGVDPDRIAVAGDSAG
GNLAAVVSILDRNSGEKLVKKQVLIYPVVN(MSE)TGVPTASLVEFGVAETTSLPIEL(MSE)VWFGRQYLKRPEEAYDF
KASPLLADLGGLPPALVVTAEYDPLRDEGELYAYK(MSE)KASGSRAVAVRFAG(MSE)VHGFVSFYPFVDAGREALDLA
AASIRSGLQPS
;
_entity_poly.pdbx_strand_id   A,B
#
# COMPACT_ATOMS: atom_id res chain seq x y z
N LEU A 17 2.91 25.65 -6.00
CA LEU A 17 4.37 25.59 -5.76
C LEU A 17 5.22 25.58 -7.01
N SER A 18 5.36 24.39 -7.60
CA SER A 18 6.16 24.13 -8.81
C SER A 18 7.55 23.60 -8.52
N ILE A 19 7.69 22.27 -8.62
CA ILE A 19 8.94 21.56 -8.39
C ILE A 19 9.84 21.80 -9.62
N ALA A 20 9.25 22.45 -10.63
CA ALA A 20 10.01 22.79 -11.82
C ALA A 20 11.17 23.64 -11.25
N ALA A 21 10.90 24.36 -10.15
CA ALA A 21 11.91 25.20 -9.50
C ALA A 21 12.80 24.40 -8.53
N SER A 22 13.91 25.03 -8.08
CA SER A 22 14.85 24.40 -7.16
C SER A 22 14.26 24.27 -5.75
N PRO A 23 14.81 23.35 -4.94
CA PRO A 23 14.41 23.04 -3.56
C PRO A 23 14.63 24.24 -2.65
N GLN A 24 15.76 24.89 -2.82
CA GLN A 24 16.09 26.03 -1.98
C GLN A 24 15.13 27.20 -2.18
N GLU A 25 14.74 27.43 -3.42
CA GLU A 25 13.83 28.53 -3.66
C GLU A 25 12.43 28.10 -3.27
N LEU A 26 12.14 26.82 -3.39
CA LEU A 26 10.82 26.35 -3.03
C LEU A 26 10.80 26.39 -1.49
N ARG A 27 11.96 26.18 -0.88
CA ARG A 27 12.03 26.22 0.56
C ARG A 27 11.75 27.62 1.07
N ARG A 28 12.05 28.59 0.21
CA ARG A 28 11.87 29.99 0.56
C ARG A 28 10.43 30.42 0.42
N GLN A 29 9.80 29.99 -0.67
CA GLN A 29 8.41 30.35 -0.92
C GLN A 29 7.57 29.76 0.22
N VAL A 30 7.90 28.53 0.59
CA VAL A 30 7.21 27.83 1.65
C VAL A 30 7.42 28.54 2.99
N GLU A 31 8.65 28.95 3.27
CA GLU A 31 8.99 29.63 4.51
C GLU A 31 8.13 30.91 4.66
N GLU A 32 8.06 31.74 3.61
CA GLU A 32 7.26 32.97 3.63
C GLU A 32 5.78 32.57 3.83
N GLN A 33 5.29 31.64 3.03
CA GLN A 33 3.92 31.15 3.11
C GLN A 33 3.52 30.74 4.54
N SER A 34 4.35 29.90 5.19
CA SER A 34 4.08 29.38 6.52
C SER A 34 4.16 30.51 7.53
N ARG A 35 5.13 31.46 7.46
CA ARG A 35 5.14 32.49 8.47
C ARG A 35 3.99 33.47 8.48
N LEU A 36 3.20 33.55 7.38
CA LEU A 36 1.99 34.39 7.32
C LEU A 36 1.06 33.68 8.34
N LEU A 37 1.20 32.36 8.43
CA LEU A 37 0.42 31.57 9.40
C LEU A 37 0.82 31.87 10.84
N THR A 38 2.12 31.81 11.19
CA THR A 38 2.53 32.08 12.57
C THR A 38 2.27 33.54 12.92
N ALA A 39 2.17 34.40 11.92
CA ALA A 39 1.95 35.81 12.19
C ALA A 39 0.54 36.15 12.70
N ALA A 40 -0.42 35.38 12.21
CA ALA A 40 -1.82 35.59 12.56
C ALA A 40 -2.22 35.31 14.01
N VAL A 41 -1.40 34.56 14.73
CA VAL A 41 -1.76 34.21 16.09
C VAL A 41 -0.75 34.59 17.16
N GLN A 42 -1.28 35.10 18.27
CA GLN A 42 -0.44 35.47 19.40
C GLN A 42 -0.67 34.34 20.39
N GLU A 43 0.38 33.60 20.68
CA GLU A 43 0.29 32.49 21.61
C GLU A 43 1.24 32.76 22.76
N PRO A 44 0.72 33.12 23.95
CA PRO A 44 1.63 33.38 25.07
C PRO A 44 2.41 32.17 25.53
N ILE A 45 3.62 32.40 26.03
CA ILE A 45 4.47 31.33 26.55
C ILE A 45 5.38 32.03 27.57
N ALA A 46 5.54 31.43 28.73
CA ALA A 46 6.36 32.03 29.76
C ALA A 46 7.78 32.35 29.30
N GLU A 47 8.31 31.59 28.33
CA GLU A 47 9.69 31.86 27.95
C GLU A 47 10.22 31.08 26.74
N THR A 48 11.34 31.51 26.16
CA THR A 48 11.99 30.76 25.08
C THR A 48 13.47 30.89 25.20
N ARG A 49 14.20 29.95 24.61
CA ARG A 49 15.65 29.95 24.65
C ARG A 49 16.02 29.26 23.34
N ASP A 50 16.78 29.92 22.46
CA ASP A 50 17.22 29.27 21.22
C ASP A 50 18.46 28.52 21.62
N VAL A 51 18.51 27.24 21.30
CA VAL A 51 19.67 26.45 21.66
C VAL A 51 20.38 25.85 20.46
N HIS A 52 21.61 25.38 20.72
CA HIS A 52 22.43 24.74 19.70
C HIS A 52 22.83 23.32 20.13
N ILE A 53 22.27 22.34 19.43
CA ILE A 53 22.48 20.94 19.73
C ILE A 53 23.56 20.27 18.90
N PRO A 54 24.52 19.62 19.57
CA PRO A 54 25.61 18.94 18.89
C PRO A 54 25.12 17.71 18.13
N VAL A 55 25.54 17.54 16.87
CA VAL A 55 25.20 16.35 16.04
C VAL A 55 26.45 16.03 15.23
N SER A 56 26.44 14.92 14.49
CA SER A 56 27.59 14.50 13.68
C SER A 56 27.79 15.55 12.62
N GLY A 57 28.95 16.17 12.62
CA GLY A 57 29.22 17.20 11.63
C GLY A 57 28.91 18.62 12.10
N GLY A 58 28.54 18.80 13.37
CA GLY A 58 28.24 20.14 13.86
C GLY A 58 27.05 20.21 14.80
N SER A 59 26.23 21.23 14.60
CA SER A 59 25.06 21.44 15.43
C SER A 59 23.82 21.87 14.66
N ILE A 60 22.67 21.66 15.27
CA ILE A 60 21.43 22.06 14.65
C ILE A 60 20.77 22.97 15.66
N ARG A 61 19.93 23.87 15.20
CA ARG A 61 19.22 24.75 16.14
C ARG A 61 18.04 23.98 16.74
N ALA A 62 17.54 24.51 17.86
CA ALA A 62 16.36 23.99 18.59
C ALA A 62 15.85 25.19 19.37
N ARG A 63 14.54 25.24 19.58
CA ARG A 63 13.93 26.33 20.33
C ARG A 63 13.20 25.66 21.49
N VAL A 64 13.56 26.02 22.70
CA VAL A 64 12.94 25.47 23.88
C VAL A 64 11.83 26.42 24.33
N TYR A 65 10.62 25.87 24.48
CA TYR A 65 9.44 26.62 24.91
C TYR A 65 9.10 26.24 26.34
N PHE A 66 9.17 27.22 27.23
CA PHE A 66 8.85 27.00 28.64
C PHE A 66 7.43 27.53 28.91
N PRO A 67 6.51 26.64 29.35
CA PRO A 67 5.09 26.89 29.68
C PRO A 67 4.97 27.70 30.98
N LYS A 68 5.80 27.35 31.95
CA LYS A 68 5.85 28.04 33.23
C LYS A 68 7.27 27.96 33.71
N LYS A 69 7.49 28.53 34.89
CA LYS A 69 8.81 28.45 35.49
C LYS A 69 8.78 27.49 36.64
N ALA A 70 9.21 26.26 36.37
CA ALA A 70 9.22 25.26 37.41
C ALA A 70 10.26 24.15 37.07
N ALA A 71 10.45 23.27 38.04
CA ALA A 71 11.35 22.10 37.98
C ALA A 71 10.58 20.85 37.77
N GLY A 72 11.27 19.84 37.27
CA GLY A 72 10.62 18.57 37.00
C GLY A 72 9.50 18.62 35.96
N LEU A 73 9.60 19.48 34.97
CA LEU A 73 8.51 19.55 34.00
C LEU A 73 8.59 18.45 32.90
N PRO A 74 7.42 18.06 32.35
CA PRO A 74 7.34 17.05 31.29
C PRO A 74 7.79 17.75 30.02
N ALA A 75 8.30 17.01 29.07
CA ALA A 75 8.82 17.65 27.87
C ALA A 75 8.45 16.89 26.65
N VAL A 76 8.37 17.61 25.54
CA VAL A 76 8.01 17.03 24.27
C VAL A 76 8.97 17.47 23.17
N LEU A 77 9.53 16.50 22.45
CA LEU A 77 10.41 16.82 21.33
C LEU A 77 9.44 17.07 20.19
N TYR A 78 9.59 18.15 19.44
CA TYR A 78 8.71 18.38 18.30
C TYR A 78 9.51 18.44 17.00
N TYR A 79 9.07 17.70 15.97
CA TYR A 79 9.74 17.72 14.68
C TYR A 79 8.76 18.24 13.64
N HIS A 80 9.10 19.39 13.05
CA HIS A 80 8.31 20.08 12.03
C HIS A 80 8.19 19.30 10.73
N GLY A 81 7.09 19.51 9.99
CA GLY A 81 6.91 18.83 8.72
C GLY A 81 7.55 19.64 7.60
N GLY A 82 7.42 19.18 6.36
CA GLY A 82 8.03 19.89 5.23
C GLY A 82 8.58 18.94 4.18
N GLY A 83 8.17 17.68 4.26
CA GLY A 83 8.60 16.69 3.30
C GLY A 83 10.08 16.38 3.32
N PHE A 84 10.71 16.66 4.45
CA PHE A 84 12.14 16.45 4.68
C PHE A 84 12.97 17.53 3.94
N VAL A 85 12.29 18.41 3.23
CA VAL A 85 12.99 19.44 2.49
C VAL A 85 12.66 20.86 2.97
N PHE A 86 11.43 21.06 3.45
CA PHE A 86 11.01 22.38 3.92
C PHE A 86 10.79 22.42 5.41
N GLY A 87 10.41 23.62 5.87
CA GLY A 87 10.10 23.82 7.26
C GLY A 87 11.26 24.23 8.12
N SER A 88 10.95 24.84 9.27
CA SER A 88 11.98 25.31 10.17
C SER A 88 11.32 25.51 11.52
N ILE A 89 12.11 25.89 12.51
CA ILE A 89 11.56 26.13 13.83
C ILE A 89 10.55 27.24 13.75
N GLU A 90 10.85 28.22 12.90
CA GLU A 90 9.97 29.36 12.78
C GLU A 90 8.63 29.01 12.18
N THR A 91 8.69 28.11 11.21
CA THR A 91 7.53 27.68 10.48
C THR A 91 6.44 27.05 11.36
N HIS A 92 6.86 26.42 12.45
CA HIS A 92 5.91 25.78 13.38
C HIS A 92 5.93 26.34 14.78
N ASP A 93 6.45 27.57 14.93
CA ASP A 93 6.54 28.25 16.21
C ASP A 93 5.20 28.43 16.97
N HIS A 94 4.10 28.70 16.25
CA HIS A 94 2.77 28.85 16.85
C HIS A 94 2.29 27.51 17.39
N ILE A 95 2.33 26.48 16.56
CA ILE A 95 1.93 25.16 17.05
C ILE A 95 2.67 24.79 18.34
N CYS A 96 3.99 24.96 18.35
CA CYS A 96 4.75 24.59 19.54
C CYS A 96 4.45 25.41 20.79
N ARG A 97 4.20 26.70 20.62
CA ARG A 97 3.87 27.54 21.78
C ARG A 97 2.55 27.09 22.36
N ARG A 98 1.54 26.95 21.50
CA ARG A 98 0.22 26.53 21.94
C ARG A 98 0.29 25.15 22.61
N LEU A 99 1.00 24.23 21.96
CA LEU A 99 1.17 22.90 22.46
C LEU A 99 1.81 22.99 23.82
N SER A 100 2.82 23.84 23.92
CA SER A 100 3.49 23.97 25.18
C SER A 100 2.57 24.43 26.31
N ARG A 101 1.84 25.52 26.08
CA ARG A 101 1.01 26.04 27.14
C ARG A 101 -0.21 25.21 27.50
N LEU A 102 -0.74 24.45 26.55
CA LEU A 102 -1.92 23.62 26.86
C LEU A 102 -1.58 22.33 27.57
N SER A 103 -0.40 21.77 27.30
CA SER A 103 0.00 20.53 27.98
C SER A 103 0.80 20.86 29.23
N ASP A 104 1.30 22.07 29.34
CA ASP A 104 2.13 22.41 30.48
C ASP A 104 3.38 21.53 30.42
N SER A 105 3.96 21.47 29.23
CA SER A 105 5.18 20.70 28.97
C SER A 105 6.21 21.62 28.36
N VAL A 106 7.46 21.21 28.46
CA VAL A 106 8.54 21.95 27.84
C VAL A 106 8.57 21.36 26.48
N VAL A 107 8.41 22.20 25.46
CA VAL A 107 8.48 21.68 24.12
C VAL A 107 9.79 22.13 23.49
N VAL A 108 10.51 21.21 22.82
CA VAL A 108 11.73 21.63 22.17
C VAL A 108 11.61 21.26 20.69
N SER A 109 11.50 22.28 19.85
CA SER A 109 11.33 22.06 18.42
C SER A 109 12.69 21.90 17.76
N VAL A 110 12.88 20.81 17.01
CA VAL A 110 14.17 20.55 16.40
C VAL A 110 14.33 20.98 14.95
N ASP A 111 15.41 21.72 14.70
CA ASP A 111 15.68 22.21 13.35
C ASP A 111 16.57 21.19 12.66
N TYR A 112 16.05 19.99 12.49
CA TYR A 112 16.81 18.92 11.85
C TYR A 112 17.25 19.32 10.44
N ARG A 113 18.44 18.85 10.05
CA ARG A 113 18.98 19.14 8.73
C ARG A 113 18.14 18.58 7.59
N LEU A 114 18.07 19.38 6.54
CA LEU A 114 17.23 19.10 5.39
C LEU A 114 17.87 18.56 4.12
N ALA A 115 17.02 17.92 3.33
CA ALA A 115 17.41 17.40 2.03
C ALA A 115 17.08 18.54 1.07
N PRO A 116 17.66 18.53 -0.15
CA PRO A 116 18.59 17.55 -0.68
C PRO A 116 19.99 17.71 -0.13
N GLU A 117 20.30 18.87 0.44
CA GLU A 117 21.63 19.12 0.99
C GLU A 117 22.08 17.96 1.85
N TYR A 118 21.39 17.75 2.96
CA TYR A 118 21.73 16.63 3.84
C TYR A 118 20.71 15.53 3.54
N LYS A 119 21.17 14.39 3.03
CA LYS A 119 20.23 13.30 2.71
C LYS A 119 19.92 12.28 3.79
N PHE A 120 18.90 11.49 3.46
CA PHE A 120 18.32 10.47 4.31
C PHE A 120 19.35 9.65 5.01
N PRO A 121 19.21 9.42 6.36
CA PRO A 121 19.12 9.14 7.80
C PRO A 121 19.62 10.33 8.59
N THR A 122 20.17 11.32 7.85
CA THR A 122 20.70 12.47 8.52
C THR A 122 19.63 13.01 9.49
N ALA A 123 18.50 13.45 8.93
CA ALA A 123 17.44 14.04 9.68
C ALA A 123 17.08 13.12 10.81
N VAL A 124 16.94 11.83 10.48
CA VAL A 124 16.56 10.83 11.49
C VAL A 124 17.60 10.85 12.59
N GLU A 125 18.86 10.90 12.18
CA GLU A 125 19.95 10.92 13.13
C GLU A 125 19.92 12.23 13.92
N ASP A 126 19.62 13.35 13.27
CA ASP A 126 19.57 14.64 14.00
C ASP A 126 18.43 14.54 15.02
N ALA A 127 17.31 13.97 14.59
CA ALA A 127 16.16 13.84 15.46
C ALA A 127 16.45 13.01 16.70
N TYR A 128 17.01 11.82 16.51
CA TYR A 128 17.29 10.96 17.65
C TYR A 128 18.30 11.65 18.55
N ALA A 129 19.28 12.32 17.95
CA ALA A 129 20.29 13.03 18.72
C ALA A 129 19.66 14.16 19.56
N ALA A 130 18.69 14.85 18.99
CA ALA A 130 18.02 15.93 19.69
C ALA A 130 17.26 15.35 20.88
N LEU A 131 16.75 14.13 20.73
CA LEU A 131 16.04 13.50 21.83
C LEU A 131 16.98 13.16 22.96
N LYS A 132 18.15 12.61 22.63
CA LYS A 132 19.10 12.26 23.67
C LYS A 132 19.60 13.53 24.39
N TRP A 133 19.77 14.61 23.63
CA TRP A 133 20.24 15.88 24.16
C TRP A 133 19.29 16.41 25.24
N VAL A 134 17.99 16.35 24.96
CA VAL A 134 17.00 16.79 25.93
C VAL A 134 17.10 15.95 27.22
N ALA A 135 17.14 14.62 27.11
CA ALA A 135 17.20 13.81 28.33
C ALA A 135 18.46 14.05 29.15
N ASP A 136 19.58 14.29 28.47
CA ASP A 136 20.85 14.52 29.14
C ASP A 136 20.89 15.92 29.77
N ARG A 137 20.27 16.89 29.11
CA ARG A 137 20.26 18.26 29.61
C ARG A 137 18.98 18.61 30.39
N ALA A 138 18.27 17.59 30.85
CA ALA A 138 17.02 17.81 31.56
C ALA A 138 17.08 18.68 32.82
N ASP A 139 18.13 18.51 33.65
CA ASP A 139 18.25 19.35 34.83
C ASP A 139 18.47 20.80 34.39
N GLU A 140 19.35 21.01 33.42
CA GLU A 140 19.59 22.36 32.94
C GLU A 140 18.27 22.91 32.33
N LEU A 141 17.44 21.99 31.83
CA LEU A 141 16.18 22.37 31.19
C LEU A 141 14.97 22.52 32.12
N GLY A 142 15.12 22.10 33.37
CA GLY A 142 14.00 22.13 34.29
C GLY A 142 13.03 21.02 33.89
N VAL A 143 13.54 19.93 33.33
CA VAL A 143 12.73 18.81 32.83
C VAL A 143 12.89 17.50 33.67
N ASP A 144 11.85 16.70 33.69
CA ASP A 144 11.83 15.42 34.39
C ASP A 144 12.11 14.44 33.26
N PRO A 145 13.34 13.90 33.15
CA PRO A 145 13.81 12.94 32.15
C PRO A 145 12.90 11.73 31.96
N ASP A 146 12.18 11.35 33.03
CA ASP A 146 11.28 10.20 32.97
C ASP A 146 9.93 10.57 32.33
N ARG A 147 9.77 11.84 31.96
CA ARG A 147 8.51 12.30 31.40
C ARG A 147 8.68 12.99 30.05
N ILE A 148 9.14 12.25 29.05
CA ILE A 148 9.34 12.84 27.73
C ILE A 148 8.53 12.18 26.65
N ALA A 149 8.10 12.99 25.69
CA ALA A 149 7.32 12.50 24.58
C ALA A 149 7.90 13.09 23.30
N VAL A 150 7.50 12.56 22.16
CA VAL A 150 7.97 13.06 20.87
C VAL A 150 6.72 13.30 20.01
N ALA A 151 6.82 14.24 19.10
CA ALA A 151 5.69 14.57 18.24
C ALA A 151 6.15 15.29 16.98
N GLY A 152 5.26 15.31 15.99
CA GLY A 152 5.57 15.96 14.73
C GLY A 152 4.51 15.76 13.66
N ASP A 153 4.59 16.53 12.60
CA ASP A 153 3.61 16.46 11.50
C ASP A 153 4.26 16.18 10.14
N SER A 154 3.59 15.36 9.31
CA SER A 154 4.09 15.01 7.96
C SER A 154 5.47 14.31 8.14
N ALA A 155 6.53 14.86 7.55
CA ALA A 155 7.87 14.26 7.71
C ALA A 155 8.23 14.27 9.20
N GLY A 156 7.71 15.26 9.90
CA GLY A 156 7.96 15.37 11.33
C GLY A 156 7.38 14.16 12.08
N GLY A 157 6.24 13.62 11.61
CA GLY A 157 5.62 12.47 12.25
C GLY A 157 6.46 11.22 11.99
N ASN A 158 7.03 11.16 10.80
CA ASN A 158 7.89 10.07 10.39
C ASN A 158 9.06 10.04 11.40
N LEU A 159 9.76 11.16 11.54
CA LEU A 159 10.88 11.28 12.47
C LEU A 159 10.49 10.84 13.89
N ALA A 160 9.34 11.29 14.36
CA ALA A 160 8.84 10.93 15.68
C ALA A 160 8.59 9.42 15.76
N ALA A 161 8.03 8.84 14.72
CA ALA A 161 7.76 7.41 14.76
C ALA A 161 9.07 6.60 14.73
N VAL A 162 10.00 7.03 13.88
CA VAL A 162 11.30 6.37 13.74
C VAL A 162 12.08 6.56 15.02
N VAL A 163 12.05 7.77 15.56
CA VAL A 163 12.77 8.03 16.79
C VAL A 163 12.25 7.09 17.90
N SER A 164 10.95 6.85 17.92
CA SER A 164 10.37 5.94 18.90
C SER A 164 10.90 4.52 18.71
N ILE A 165 11.06 4.10 17.45
CA ILE A 165 11.59 2.78 17.17
C ILE A 165 13.05 2.68 17.62
N LEU A 166 13.83 3.72 17.31
CA LEU A 166 15.24 3.75 17.71
C LEU A 166 15.32 3.72 19.22
N ASP A 167 14.51 4.54 19.89
CA ASP A 167 14.51 4.60 21.34
C ASP A 167 14.16 3.22 21.92
N ARG A 168 13.31 2.49 21.21
CA ARG A 168 12.91 1.16 21.65
C ARG A 168 14.03 0.15 21.44
N ASN A 169 14.58 0.10 20.21
CA ASN A 169 15.65 -0.85 19.94
C ASN A 169 16.82 -0.69 20.90
N SER A 170 17.03 0.54 21.36
CA SER A 170 18.10 0.88 22.29
C SER A 170 17.78 0.45 23.70
N GLY A 171 16.50 0.22 23.98
CA GLY A 171 16.10 -0.20 25.30
C GLY A 171 16.24 0.86 26.37
N GLU A 172 16.28 2.14 25.98
CA GLU A 172 16.40 3.22 26.96
C GLU A 172 15.05 3.71 27.48
N LYS A 173 13.98 3.46 26.73
CA LYS A 173 12.66 3.91 27.18
C LYS A 173 12.55 5.43 27.39
N LEU A 174 13.22 6.22 26.58
CA LEU A 174 13.13 7.67 26.72
C LEU A 174 11.76 8.19 26.27
N VAL A 175 11.20 7.59 25.23
CA VAL A 175 9.90 8.01 24.70
C VAL A 175 8.74 7.34 25.45
N LYS A 176 8.01 8.15 26.19
CA LYS A 176 6.88 7.65 26.96
C LYS A 176 5.60 7.70 26.17
N LYS A 177 5.55 8.56 25.16
CA LYS A 177 4.38 8.71 24.32
C LYS A 177 4.76 9.36 22.98
N GLN A 178 3.99 9.12 21.92
CA GLN A 178 4.33 9.73 20.63
C GLN A 178 3.08 10.22 19.93
N VAL A 179 3.09 11.48 19.49
CA VAL A 179 1.91 12.02 18.85
C VAL A 179 2.27 12.25 17.40
N LEU A 180 1.63 11.50 16.53
CA LEU A 180 1.96 11.62 15.14
C LEU A 180 0.83 12.30 14.39
N ILE A 181 1.10 13.52 13.87
CA ILE A 181 0.11 14.33 13.12
C ILE A 181 0.31 14.12 11.61
N TYR A 182 -0.72 13.59 10.94
CA TYR A 182 -0.69 13.22 9.52
C TYR A 182 0.72 12.76 9.08
N PRO A 183 1.23 11.76 9.80
CA PRO A 183 2.55 11.21 9.50
C PRO A 183 2.67 10.45 8.17
N VAL A 184 3.86 10.52 7.54
CA VAL A 184 4.15 9.77 6.33
C VAL A 184 4.98 8.62 6.89
N VAL A 185 4.49 7.38 6.74
CA VAL A 185 5.17 6.21 7.28
C VAL A 185 5.62 5.20 6.23
N ASN A 186 5.36 5.50 4.97
CA ASN A 186 5.74 4.60 3.88
C ASN A 186 6.28 5.41 2.72
N MSE A 187 7.56 5.21 2.46
CA MSE A 187 8.19 5.90 1.36
C MSE A 187 8.53 5.03 0.16
O MSE A 187 9.46 5.34 -0.57
CB MSE A 187 9.43 6.63 1.85
CG MSE A 187 9.06 7.68 2.83
SE MSE A 187 10.49 8.88 3.16
CE MSE A 187 10.16 10.04 1.67
N THR A 188 7.78 3.95 -0.07
CA THR A 188 8.02 3.05 -1.22
C THR A 188 6.96 3.42 -2.28
N GLY A 189 7.04 2.86 -3.49
CA GLY A 189 6.04 3.16 -4.50
C GLY A 189 4.71 2.43 -4.32
N VAL A 190 4.64 1.54 -3.33
CA VAL A 190 3.39 0.81 -3.09
C VAL A 190 2.35 1.78 -2.55
N PRO A 191 1.51 2.31 -3.45
CA PRO A 191 0.47 3.27 -3.07
C PRO A 191 -0.65 2.66 -2.21
N THR A 192 -1.46 3.53 -1.62
CA THR A 192 -2.62 3.08 -0.86
C THR A 192 -3.76 3.65 -1.71
N ALA A 193 -4.98 3.26 -1.34
CA ALA A 193 -6.20 3.75 -2.00
C ALA A 193 -6.22 5.28 -1.79
N SER A 194 -6.00 5.72 -0.55
CA SER A 194 -6.00 7.17 -0.28
C SER A 194 -4.82 7.87 -0.95
N LEU A 195 -3.65 7.24 -0.93
CA LEU A 195 -2.47 7.85 -1.55
C LEU A 195 -2.79 8.34 -2.97
N VAL A 196 -3.38 7.49 -3.79
CA VAL A 196 -3.71 7.86 -5.16
C VAL A 196 -4.96 8.73 -5.27
N GLU A 197 -6.00 8.36 -4.54
CA GLU A 197 -7.24 9.11 -4.58
C GLU A 197 -7.07 10.63 -4.30
N PHE A 198 -6.32 10.99 -3.26
CA PHE A 198 -6.14 12.40 -2.95
C PHE A 198 -4.86 12.97 -3.51
N GLY A 199 -3.96 12.09 -3.93
CA GLY A 199 -2.73 12.52 -4.53
C GLY A 199 -3.01 13.12 -5.90
N VAL A 200 -3.95 12.50 -6.62
CA VAL A 200 -4.33 12.90 -7.97
C VAL A 200 -5.46 13.95 -8.04
N ALA A 201 -6.22 14.11 -6.95
CA ALA A 201 -7.31 15.08 -6.94
C ALA A 201 -6.86 16.48 -7.36
N GLU A 202 -7.80 17.26 -7.87
CA GLU A 202 -7.54 18.63 -8.28
C GLU A 202 -7.41 19.49 -7.01
N THR A 203 -8.21 19.15 -6.01
CA THR A 203 -8.22 19.86 -4.73
C THR A 203 -7.28 19.25 -3.69
N THR A 204 -6.03 18.97 -4.07
CA THR A 204 -5.14 18.36 -3.09
C THR A 204 -4.06 19.28 -2.59
N SER A 205 -3.78 19.17 -1.29
CA SER A 205 -2.75 19.98 -0.68
C SER A 205 -1.47 19.16 -0.66
N LEU A 206 -1.56 17.94 -1.16
CA LEU A 206 -0.40 17.08 -1.18
C LEU A 206 -0.40 16.29 -2.49
N PRO A 207 -0.16 16.98 -3.62
CA PRO A 207 -0.13 16.35 -4.95
C PRO A 207 0.77 15.11 -5.00
N ILE A 208 0.45 14.12 -5.82
CA ILE A 208 1.31 12.94 -5.86
C ILE A 208 2.73 13.24 -6.39
N GLU A 209 2.80 14.19 -7.31
CA GLU A 209 4.03 14.65 -7.96
C GLU A 209 5.00 15.27 -6.96
N LEU A 210 4.46 16.03 -6.03
CA LEU A 210 5.27 16.64 -4.98
C LEU A 210 5.79 15.57 -4.00
N MSE A 211 4.96 14.56 -3.70
CA MSE A 211 5.39 13.51 -2.79
C MSE A 211 6.51 12.69 -3.42
O MSE A 211 7.46 12.33 -2.74
CB MSE A 211 4.23 12.57 -2.43
CG MSE A 211 3.12 13.25 -1.66
SE MSE A 211 1.74 11.97 -1.11
CE MSE A 211 0.57 11.94 -2.65
N VAL A 212 6.39 12.42 -4.70
CA VAL A 212 7.42 11.68 -5.43
C VAL A 212 8.73 12.48 -5.42
N TRP A 213 8.62 13.79 -5.61
CA TRP A 213 9.78 14.69 -5.63
C TRP A 213 10.50 14.79 -4.25
N PHE A 214 9.71 14.77 -3.17
CA PHE A 214 10.28 14.82 -1.83
C PHE A 214 11.21 13.62 -1.64
N GLY A 215 10.72 12.44 -2.03
CA GLY A 215 11.50 11.23 -1.91
C GLY A 215 12.82 11.29 -2.69
N ARG A 216 12.82 11.87 -3.90
CA ARG A 216 14.04 11.96 -4.71
C ARG A 216 15.04 12.92 -4.10
N GLN A 217 14.51 13.90 -3.37
CA GLN A 217 15.33 14.91 -2.73
C GLN A 217 15.88 14.34 -1.41
N TYR A 218 15.09 13.47 -0.78
CA TYR A 218 15.46 12.88 0.51
C TYR A 218 16.31 11.60 0.47
N LEU A 219 15.92 10.65 -0.36
CA LEU A 219 16.65 9.39 -0.46
C LEU A 219 17.79 9.46 -1.47
N LYS A 220 18.92 8.82 -1.20
CA LYS A 220 20.01 8.84 -2.16
C LYS A 220 19.78 7.68 -3.13
N ARG A 221 19.54 6.50 -2.58
CA ARG A 221 19.29 5.30 -3.39
C ARG A 221 17.91 4.67 -3.11
N PRO A 222 16.88 4.95 -3.95
CA PRO A 222 15.49 4.49 -3.92
C PRO A 222 15.14 3.24 -3.13
N GLU A 223 16.12 2.40 -2.82
CA GLU A 223 15.78 1.24 -2.03
C GLU A 223 16.01 1.51 -0.55
N GLU A 224 16.38 2.75 -0.23
CA GLU A 224 16.57 3.14 1.15
C GLU A 224 15.13 3.35 1.63
N ALA A 225 14.22 3.48 0.66
CA ALA A 225 12.80 3.65 0.95
C ALA A 225 12.31 2.44 1.74
N TYR A 226 13.05 1.35 1.61
CA TYR A 226 12.73 0.10 2.28
C TYR A 226 13.33 0.00 3.68
N ASP A 227 14.17 0.96 4.04
CA ASP A 227 14.75 0.93 5.37
C ASP A 227 13.68 1.40 6.35
N PHE A 228 13.62 0.77 7.53
CA PHE A 228 12.63 1.16 8.53
C PHE A 228 12.75 2.61 9.01
N LYS A 229 13.95 3.18 8.92
CA LYS A 229 14.15 4.56 9.36
C LYS A 229 13.56 5.56 8.37
N ALA A 230 13.00 5.06 7.27
CA ALA A 230 12.39 5.90 6.25
C ALA A 230 10.93 5.52 6.09
N SER A 231 10.68 4.21 6.14
CA SER A 231 9.34 3.65 6.02
C SER A 231 9.07 2.83 7.27
N PRO A 232 8.80 3.51 8.41
CA PRO A 232 8.52 2.94 9.73
C PRO A 232 7.45 1.87 9.68
N LEU A 233 6.51 1.98 8.74
CA LEU A 233 5.44 0.99 8.66
C LEU A 233 5.96 -0.43 8.40
N LEU A 234 7.18 -0.55 7.90
CA LEU A 234 7.79 -1.84 7.55
C LEU A 234 8.46 -2.55 8.72
N ALA A 235 8.60 -1.83 9.82
CA ALA A 235 9.23 -2.36 11.01
C ALA A 235 8.22 -3.15 11.85
N ASP A 236 8.73 -3.79 12.90
CA ASP A 236 7.93 -4.55 13.85
C ASP A 236 7.53 -3.43 14.77
N LEU A 237 6.24 -3.19 14.86
CA LEU A 237 5.77 -2.10 15.66
C LEU A 237 5.34 -2.56 17.05
N GLY A 238 5.83 -3.70 17.51
CA GLY A 238 5.47 -4.16 18.85
C GLY A 238 6.34 -3.52 19.92
N GLY A 239 5.84 -3.32 21.14
CA GLY A 239 6.72 -2.75 22.15
C GLY A 239 7.07 -1.29 22.05
N LEU A 240 6.23 -0.54 21.34
CA LEU A 240 6.45 0.90 21.18
C LEU A 240 5.69 1.70 22.22
N PRO A 241 6.06 2.97 22.38
CA PRO A 241 5.40 3.82 23.36
C PRO A 241 4.01 4.14 22.84
N PRO A 242 3.08 4.37 23.75
CA PRO A 242 1.71 4.69 23.33
C PRO A 242 1.67 5.68 22.16
N ALA A 243 0.84 5.42 21.16
CA ALA A 243 0.73 6.35 20.04
C ALA A 243 -0.67 6.97 19.84
N LEU A 244 -0.67 8.26 19.49
CA LEU A 244 -1.91 9.00 19.16
C LEU A 244 -1.65 9.37 17.70
N VAL A 245 -2.45 8.85 16.77
CA VAL A 245 -2.25 9.17 15.37
C VAL A 245 -3.40 10.02 14.84
N VAL A 246 -3.04 11.16 14.28
CA VAL A 246 -4.05 12.07 13.75
C VAL A 246 -3.98 12.14 12.22
N THR A 247 -5.10 11.88 11.56
CA THR A 247 -5.15 11.96 10.11
C THR A 247 -6.27 12.88 9.64
N ALA A 248 -6.24 13.16 8.34
CA ALA A 248 -7.24 14.03 7.70
C ALA A 248 -7.98 13.21 6.66
N GLU A 249 -9.28 13.46 6.54
CA GLU A 249 -10.13 12.75 5.56
C GLU A 249 -9.68 12.82 4.11
N TYR A 250 -9.14 13.95 3.68
CA TYR A 250 -8.71 14.03 2.27
C TYR A 250 -7.20 14.07 2.13
N ASP A 251 -6.51 13.48 3.08
CA ASP A 251 -5.06 13.45 3.04
C ASP A 251 -4.61 12.18 2.30
N PRO A 252 -3.71 12.32 1.31
CA PRO A 252 -3.30 11.07 0.66
C PRO A 252 -2.64 10.11 1.63
N LEU A 253 -2.07 10.68 2.71
CA LEU A 253 -1.39 9.91 3.76
C LEU A 253 -2.35 9.24 4.74
N ARG A 254 -3.63 9.58 4.64
CA ARG A 254 -4.66 9.05 5.52
C ARG A 254 -4.55 7.55 5.82
N ASP A 255 -4.62 6.73 4.78
CA ASP A 255 -4.57 5.27 4.94
C ASP A 255 -3.29 4.77 5.62
N GLU A 256 -2.13 5.23 5.16
CA GLU A 256 -0.92 4.75 5.81
C GLU A 256 -0.86 5.18 7.28
N GLY A 257 -1.50 6.31 7.60
CA GLY A 257 -1.49 6.79 8.97
C GLY A 257 -2.28 5.86 9.87
N GLU A 258 -3.48 5.51 9.41
CA GLU A 258 -4.33 4.62 10.16
C GLU A 258 -3.76 3.20 10.12
N LEU A 259 -3.19 2.81 8.99
CA LEU A 259 -2.59 1.48 8.86
C LEU A 259 -1.53 1.35 9.95
N TYR A 260 -0.80 2.43 10.16
CA TYR A 260 0.23 2.44 11.16
C TYR A 260 -0.33 2.25 12.57
N ALA A 261 -1.43 2.92 12.92
CA ALA A 261 -2.00 2.75 14.27
C ALA A 261 -2.49 1.32 14.44
N TYR A 262 -3.16 0.78 13.43
CA TYR A 262 -3.66 -0.58 13.52
C TYR A 262 -2.53 -1.58 13.73
N LYS A 263 -1.52 -1.48 12.88
CA LYS A 263 -0.38 -2.38 12.95
C LYS A 263 0.24 -2.35 14.34
N MSE A 264 0.43 -1.16 14.89
CA MSE A 264 0.97 -1.02 16.23
C MSE A 264 0.14 -1.85 17.22
O MSE A 264 0.68 -2.67 17.96
CB MSE A 264 1.00 0.44 16.67
CG MSE A 264 2.10 1.34 16.08
SE MSE A 264 2.25 2.92 17.19
CE MSE A 264 2.86 4.37 16.16
N LYS A 265 -1.17 -1.59 17.23
CA LYS A 265 -2.11 -2.30 18.11
C LYS A 265 -2.09 -3.82 17.95
N ALA A 266 -2.08 -4.26 16.71
CA ALA A 266 -2.01 -5.68 16.41
C ALA A 266 -0.71 -6.31 16.90
N SER A 267 0.27 -5.48 17.22
CA SER A 267 1.57 -6.01 17.65
C SER A 267 1.78 -5.87 19.12
N GLY A 268 0.75 -5.46 19.81
CA GLY A 268 0.89 -5.30 21.23
C GLY A 268 1.19 -3.91 21.75
N SER A 269 1.37 -2.92 20.87
CA SER A 269 1.66 -1.55 21.31
C SER A 269 0.32 -0.79 21.34
N ARG A 270 0.20 0.22 22.22
CA ARG A 270 -1.04 0.98 22.27
C ARG A 270 -1.03 2.16 21.30
N ALA A 271 -2.14 2.28 20.58
CA ALA A 271 -2.30 3.30 19.57
C ALA A 271 -3.76 3.70 19.37
N VAL A 272 -3.98 4.96 19.06
CA VAL A 272 -5.33 5.44 18.83
C VAL A 272 -5.25 6.35 17.63
N ALA A 273 -6.15 6.14 16.67
CA ALA A 273 -6.14 6.92 15.44
C ALA A 273 -7.42 7.78 15.34
N VAL A 274 -7.26 9.05 15.01
CA VAL A 274 -8.41 9.95 14.92
C VAL A 274 -8.46 10.57 13.54
N ARG A 275 -9.62 10.53 12.88
CA ARG A 275 -9.69 11.08 11.55
C ARG A 275 -10.53 12.34 11.57
N PHE A 276 -9.95 13.46 11.15
CA PHE A 276 -10.68 14.71 11.14
C PHE A 276 -11.41 14.89 9.83
N ALA A 277 -12.72 15.05 9.93
CA ALA A 277 -13.56 15.20 8.75
C ALA A 277 -13.36 16.53 8.05
N GLY A 278 -13.48 16.48 6.74
CA GLY A 278 -13.36 17.68 5.95
C GLY A 278 -11.98 18.30 5.84
N MSE A 279 -10.96 17.72 6.47
CA MSE A 279 -9.59 18.26 6.44
C MSE A 279 -8.70 17.69 5.34
O MSE A 279 -8.96 16.61 4.78
CB MSE A 279 -8.89 18.01 7.79
CG MSE A 279 -9.53 18.72 8.95
SE MSE A 279 -9.41 20.65 8.66
CE MSE A 279 -11.16 20.96 7.88
N VAL A 280 -7.63 18.43 5.05
CA VAL A 280 -6.63 18.07 4.06
C VAL A 280 -5.32 17.97 4.81
N HIS A 281 -4.28 17.56 4.11
CA HIS A 281 -2.98 17.43 4.74
C HIS A 281 -2.51 18.83 5.17
N GLY A 282 -1.92 18.91 6.37
CA GLY A 282 -1.39 20.17 6.87
C GLY A 282 -2.35 21.14 7.57
N PHE A 283 -3.57 20.68 7.86
CA PHE A 283 -4.56 21.56 8.45
C PHE A 283 -4.18 22.06 9.83
N VAL A 284 -3.36 21.31 10.57
CA VAL A 284 -3.00 21.80 11.88
C VAL A 284 -2.21 23.09 11.81
N SER A 285 -1.34 23.23 10.81
CA SER A 285 -0.56 24.43 10.66
C SER A 285 -1.46 25.65 10.48
N PHE A 286 -2.66 25.42 9.95
CA PHE A 286 -3.58 26.50 9.71
C PHE A 286 -4.57 26.70 10.86
N TYR A 287 -4.27 26.13 12.02
CA TYR A 287 -5.15 26.23 13.18
C TYR A 287 -5.75 27.62 13.47
N PRO A 288 -5.00 28.71 13.27
CA PRO A 288 -5.60 30.02 13.57
C PRO A 288 -6.85 30.31 12.76
N PHE A 289 -6.86 29.75 11.55
CA PHE A 289 -7.95 29.92 10.58
C PHE A 289 -8.92 28.75 10.44
N VAL A 290 -8.51 27.57 10.89
CA VAL A 290 -9.39 26.40 10.76
C VAL A 290 -9.74 25.83 12.12
N ASP A 291 -11.00 25.91 12.50
CA ASP A 291 -11.44 25.41 13.80
C ASP A 291 -10.91 23.99 14.06
N ALA A 292 -11.02 23.13 13.07
CA ALA A 292 -10.54 21.76 13.22
C ALA A 292 -9.03 21.67 13.55
N GLY A 293 -8.21 22.59 13.05
CA GLY A 293 -6.79 22.54 13.35
C GLY A 293 -6.63 22.79 14.83
N ARG A 294 -7.47 23.67 15.34
CA ARG A 294 -7.45 24.02 16.74
C ARG A 294 -7.96 22.87 17.62
N GLU A 295 -9.03 22.18 17.21
CA GLU A 295 -9.52 21.05 17.98
C GLU A 295 -8.45 19.95 17.98
N ALA A 296 -7.81 19.75 16.82
CA ALA A 296 -6.77 18.73 16.73
C ALA A 296 -5.61 19.01 17.68
N LEU A 297 -5.20 20.27 17.74
CA LEU A 297 -4.11 20.69 18.60
C LEU A 297 -4.44 20.47 20.08
N ASP A 298 -5.69 20.73 20.44
CA ASP A 298 -6.12 20.55 21.82
C ASP A 298 -6.18 19.06 22.19
N LEU A 299 -6.49 18.20 21.24
CA LEU A 299 -6.53 16.78 21.52
C LEU A 299 -5.08 16.35 21.79
N ALA A 300 -4.17 16.74 20.88
CA ALA A 300 -2.75 16.43 21.01
C ALA A 300 -2.21 16.90 22.35
N ALA A 301 -2.44 18.15 22.71
CA ALA A 301 -1.94 18.65 24.00
C ALA A 301 -2.55 17.88 25.18
N ALA A 302 -3.81 17.49 25.06
CA ALA A 302 -4.45 16.76 26.14
C ALA A 302 -3.91 15.33 26.18
N SER A 303 -3.62 14.77 25.02
CA SER A 303 -3.10 13.42 24.91
C SER A 303 -1.69 13.37 25.52
N ILE A 304 -0.89 14.39 25.26
CA ILE A 304 0.44 14.42 25.85
C ILE A 304 0.34 14.57 27.37
N ARG A 305 -0.45 15.55 27.81
CA ARG A 305 -0.62 15.83 29.23
C ARG A 305 -0.90 14.54 29.99
N SER A 306 -1.93 13.83 29.54
CA SER A 306 -2.31 12.57 30.17
C SER A 306 -1.24 11.48 30.01
N GLY A 307 -0.59 11.42 28.85
CA GLY A 307 0.41 10.40 28.63
C GLY A 307 1.64 10.58 29.49
N LEU A 308 1.91 11.80 29.90
CA LEU A 308 3.07 12.13 30.71
C LEU A 308 2.82 12.26 32.23
N GLN A 309 1.64 11.87 32.69
CA GLN A 309 1.34 11.92 34.12
C GLN A 309 2.28 10.93 34.81
N PRO A 310 2.87 11.32 35.96
CA PRO A 310 3.78 10.38 36.62
C PRO A 310 3.15 9.02 36.90
N SER A 311 3.92 8.03 36.98
N ALA B 21 -0.85 -27.30 8.70
CA ALA B 21 -0.70 -28.35 7.75
C ALA B 21 0.08 -27.93 6.60
N SER B 22 0.58 -29.00 6.04
CA SER B 22 1.48 -28.93 4.92
C SER B 22 0.79 -28.52 3.67
N PRO B 23 1.52 -27.73 2.87
CA PRO B 23 0.91 -27.32 1.67
C PRO B 23 0.29 -28.48 0.89
N GLN B 24 0.85 -29.67 0.99
CA GLN B 24 0.29 -30.75 0.15
C GLN B 24 -1.09 -31.19 0.62
N GLU B 25 -1.23 -31.16 1.93
CA GLU B 25 -2.48 -31.50 2.52
C GLU B 25 -3.47 -30.36 2.38
N LEU B 26 -3.04 -29.11 2.24
CA LEU B 26 -4.12 -28.14 2.08
C LEU B 26 -4.61 -28.20 0.64
N ARG B 27 -3.69 -28.59 -0.22
CA ARG B 27 -4.01 -28.70 -1.64
C ARG B 27 -5.05 -29.77 -1.93
N ARG B 28 -4.95 -30.94 -1.21
CA ARG B 28 -5.82 -32.13 -1.37
C ARG B 28 -7.21 -31.95 -0.80
N GLN B 29 -7.27 -31.05 0.18
CA GLN B 29 -8.47 -30.60 0.87
C GLN B 29 -9.25 -29.64 -0.02
N VAL B 30 -8.58 -28.57 -0.51
CA VAL B 30 -9.21 -27.55 -1.36
C VAL B 30 -9.85 -28.20 -2.63
N GLU B 31 -9.15 -29.24 -3.11
CA GLU B 31 -9.54 -30.01 -4.29
C GLU B 31 -10.79 -30.79 -3.93
N GLU B 32 -10.72 -31.55 -2.83
CA GLU B 32 -11.87 -32.37 -2.36
C GLU B 32 -13.06 -31.49 -2.09
N GLN B 33 -12.73 -30.45 -1.34
CA GLN B 33 -13.71 -29.42 -1.01
C GLN B 33 -14.47 -28.95 -2.30
N SER B 34 -13.74 -28.37 -3.28
CA SER B 34 -14.31 -27.80 -4.54
C SER B 34 -15.08 -28.78 -5.42
N ARG B 35 -14.56 -30.00 -5.60
CA ARG B 35 -15.26 -30.96 -6.43
C ARG B 35 -16.48 -31.37 -5.73
N LEU B 36 -16.28 -31.56 -4.48
CA LEU B 36 -17.35 -31.92 -3.60
C LEU B 36 -18.44 -30.88 -3.58
N LEU B 37 -17.96 -29.65 -3.57
CA LEU B 37 -18.86 -28.54 -3.60
C LEU B 37 -19.60 -28.40 -5.01
N THR B 38 -18.95 -28.82 -6.17
CA THR B 38 -19.49 -28.65 -7.57
C THR B 38 -19.78 -29.92 -8.30
N ALA B 39 -20.45 -30.71 -7.54
CA ALA B 39 -20.96 -31.96 -8.03
C ALA B 39 -22.33 -31.61 -8.51
N ALA B 40 -22.40 -30.53 -9.23
CA ALA B 40 -23.69 -30.06 -9.66
C ALA B 40 -23.51 -28.62 -9.96
N VAL B 41 -23.74 -28.47 -11.21
CA VAL B 41 -23.62 -27.38 -12.07
C VAL B 41 -23.67 -28.24 -13.23
N GLN B 42 -24.30 -27.85 -14.19
CA GLN B 42 -24.07 -28.67 -15.27
C GLN B 42 -23.78 -27.72 -16.31
N GLU B 43 -22.54 -27.60 -16.59
CA GLU B 43 -22.29 -26.64 -17.62
C GLU B 43 -22.05 -27.30 -18.94
N PRO B 44 -23.06 -27.20 -19.81
CA PRO B 44 -22.99 -27.78 -21.15
C PRO B 44 -21.89 -27.20 -22.02
N ILE B 45 -21.35 -28.11 -22.85
CA ILE B 45 -20.36 -27.78 -23.82
C ILE B 45 -20.06 -28.90 -24.80
N ALA B 46 -20.06 -28.37 -25.88
CA ALA B 46 -19.63 -28.65 -27.26
C ALA B 46 -18.41 -29.61 -27.28
N GLU B 47 -17.15 -29.44 -27.16
CA GLU B 47 -16.09 -30.44 -27.02
C GLU B 47 -15.09 -29.93 -25.99
N THR B 48 -14.31 -30.82 -25.38
CA THR B 48 -13.27 -30.48 -24.43
C THR B 48 -12.09 -31.38 -24.83
N ARG B 49 -10.89 -30.86 -24.90
CA ARG B 49 -9.73 -31.64 -25.39
C ARG B 49 -8.67 -31.41 -24.34
N ASP B 50 -8.20 -32.38 -23.81
CA ASP B 50 -7.14 -32.20 -22.84
C ASP B 50 -5.81 -32.26 -23.53
N VAL B 51 -4.86 -31.20 -23.36
CA VAL B 51 -3.56 -31.08 -24.00
C VAL B 51 -2.38 -31.09 -23.03
N HIS B 52 -1.22 -31.19 -23.78
CA HIS B 52 -0.02 -31.17 -22.97
C HIS B 52 0.85 -30.06 -23.54
N ILE B 53 1.30 -29.15 -22.68
CA ILE B 53 2.12 -28.04 -23.15
C ILE B 53 3.56 -28.06 -22.64
N PRO B 54 4.48 -28.07 -23.61
CA PRO B 54 5.91 -28.06 -23.35
C PRO B 54 6.38 -26.82 -22.62
N VAL B 55 7.02 -27.02 -21.48
CA VAL B 55 7.51 -25.88 -20.72
C VAL B 55 8.96 -26.16 -20.40
N SER B 56 9.72 -25.23 -19.83
CA SER B 56 11.14 -25.56 -19.53
C SER B 56 11.20 -26.59 -18.43
N GLY B 57 11.76 -27.75 -18.75
CA GLY B 57 11.86 -28.81 -17.80
C GLY B 57 10.64 -29.71 -17.83
N GLY B 58 10.10 -30.00 -18.99
CA GLY B 58 8.99 -30.93 -19.01
C GLY B 58 7.76 -30.44 -19.75
N SER B 59 6.59 -30.71 -19.21
CA SER B 59 5.31 -30.32 -19.84
C SER B 59 4.26 -30.04 -18.77
N ILE B 60 3.14 -29.44 -19.17
CA ILE B 60 2.07 -29.23 -18.21
C ILE B 60 0.82 -29.64 -18.91
N ARG B 61 -0.24 -29.57 -18.19
CA ARG B 61 -1.46 -29.98 -18.74
C ARG B 61 -2.37 -28.76 -18.92
N ALA B 62 -3.31 -28.85 -19.85
CA ALA B 62 -4.26 -27.78 -20.10
C ALA B 62 -5.52 -28.45 -20.59
N ARG B 63 -6.62 -27.71 -20.58
CA ARG B 63 -7.85 -28.28 -21.05
C ARG B 63 -8.52 -27.26 -21.92
N VAL B 64 -8.82 -27.66 -23.15
CA VAL B 64 -9.45 -26.74 -24.06
C VAL B 64 -10.93 -27.06 -24.19
N TYR B 65 -11.72 -26.00 -24.06
CA TYR B 65 -13.15 -26.04 -24.13
C TYR B 65 -13.63 -25.40 -25.42
N PHE B 66 -14.29 -26.20 -26.24
CA PHE B 66 -14.80 -25.73 -27.51
C PHE B 66 -16.27 -25.42 -27.32
N PRO B 67 -16.67 -24.19 -27.68
CA PRO B 67 -18.06 -23.74 -27.56
C PRO B 67 -18.94 -24.23 -28.71
N LYS B 68 -18.32 -24.44 -29.84
CA LYS B 68 -19.02 -24.83 -31.08
C LYS B 68 -18.02 -25.54 -31.90
N LYS B 69 -18.44 -26.07 -33.05
CA LYS B 69 -17.47 -26.67 -33.92
C LYS B 69 -17.35 -25.79 -35.15
N ALA B 70 -16.29 -25.01 -35.07
CA ALA B 70 -16.05 -24.01 -36.07
C ALA B 70 -14.61 -23.65 -36.22
N ALA B 71 -14.36 -22.73 -37.15
CA ALA B 71 -13.02 -22.28 -37.43
C ALA B 71 -12.79 -20.80 -37.15
N GLY B 72 -11.58 -20.46 -36.75
CA GLY B 72 -11.24 -19.05 -36.45
C GLY B 72 -12.06 -18.45 -35.33
N LEU B 73 -12.18 -19.17 -34.21
CA LEU B 73 -12.93 -18.66 -33.05
C LEU B 73 -11.99 -17.91 -32.11
N PRO B 74 -12.52 -16.98 -31.32
CA PRO B 74 -11.68 -16.23 -30.40
C PRO B 74 -11.23 -17.23 -29.36
N ALA B 75 -10.15 -16.92 -28.65
CA ALA B 75 -9.67 -17.83 -27.62
C ALA B 75 -9.32 -17.08 -26.35
N VAL B 76 -9.57 -17.73 -25.22
CA VAL B 76 -9.27 -17.15 -23.92
C VAL B 76 -8.37 -18.07 -23.10
N LEU B 77 -7.34 -17.51 -22.49
CA LEU B 77 -6.45 -18.32 -21.67
C LEU B 77 -6.94 -18.14 -20.23
N TYR B 78 -7.37 -19.23 -19.58
CA TYR B 78 -7.82 -19.07 -18.20
C TYR B 78 -6.76 -19.60 -17.25
N TYR B 79 -6.38 -18.76 -16.30
CA TYR B 79 -5.40 -19.16 -15.31
C TYR B 79 -6.17 -19.23 -13.98
N HIS B 80 -6.30 -20.44 -13.44
CA HIS B 80 -7.02 -20.70 -12.19
C HIS B 80 -6.36 -20.11 -10.95
N GLY B 81 -7.16 -19.83 -9.93
CA GLY B 81 -6.61 -19.28 -8.71
C GLY B 81 -6.24 -20.33 -7.68
N GLY B 82 -5.69 -19.89 -6.54
CA GLY B 82 -5.31 -20.82 -5.50
C GLY B 82 -4.05 -20.45 -4.75
N GLY B 83 -3.70 -19.17 -4.82
CA GLY B 83 -2.51 -18.65 -4.14
C GLY B 83 -1.16 -19.15 -4.62
N PHE B 84 -1.10 -19.64 -5.87
CA PHE B 84 0.14 -20.17 -6.41
C PHE B 84 0.47 -21.50 -5.75
N VAL B 85 -0.41 -21.96 -4.86
CA VAL B 85 -0.21 -23.22 -4.17
C VAL B 85 -1.31 -24.25 -4.49
N PHE B 86 -2.55 -23.79 -4.56
CA PHE B 86 -3.70 -24.66 -4.81
C PHE B 86 -4.34 -24.48 -6.20
N GLY B 87 -5.49 -25.11 -6.38
CA GLY B 87 -6.21 -25.01 -7.64
C GLY B 87 -5.72 -25.99 -8.69
N SER B 88 -6.59 -26.26 -9.66
CA SER B 88 -6.27 -27.16 -10.75
C SER B 88 -7.29 -26.93 -11.83
N ILE B 89 -7.06 -27.59 -12.96
CA ILE B 89 -7.97 -27.52 -14.10
C ILE B 89 -9.38 -27.90 -13.65
N GLU B 90 -9.47 -29.03 -12.95
CA GLU B 90 -10.74 -29.56 -12.45
C GLU B 90 -11.41 -28.61 -11.46
N THR B 91 -10.60 -27.88 -10.73
CA THR B 91 -11.07 -26.95 -9.73
C THR B 91 -11.82 -25.75 -10.34
N HIS B 92 -11.50 -25.36 -11.57
CA HIS B 92 -12.21 -24.23 -12.20
C HIS B 92 -12.86 -24.65 -13.52
N ASP B 93 -13.11 -25.94 -13.67
CA ASP B 93 -13.73 -26.51 -14.86
C ASP B 93 -15.13 -25.95 -15.16
N HIS B 94 -15.89 -25.69 -14.12
CA HIS B 94 -17.23 -25.17 -14.27
C HIS B 94 -17.23 -23.73 -14.76
N ILE B 95 -16.24 -23.05 -14.02
CA ILE B 95 -16.12 -21.65 -14.41
C ILE B 95 -15.75 -21.61 -15.90
N CYS B 96 -14.78 -22.27 -16.46
CA CYS B 96 -14.29 -22.34 -17.82
C CYS B 96 -15.34 -22.84 -18.83
N ARG B 97 -16.20 -23.74 -18.40
CA ARG B 97 -17.23 -24.23 -19.29
C ARG B 97 -18.22 -23.12 -19.59
N ARG B 98 -18.64 -22.43 -18.55
CA ARG B 98 -19.59 -21.33 -18.72
C ARG B 98 -18.99 -20.17 -19.47
N LEU B 99 -17.91 -19.93 -19.40
CA LEU B 99 -17.23 -18.79 -20.01
C LEU B 99 -17.24 -18.98 -21.51
N SER B 100 -16.63 -20.29 -21.78
CA SER B 100 -16.55 -20.74 -23.17
C SER B 100 -17.88 -20.54 -23.86
N ARG B 101 -18.92 -21.08 -23.24
CA ARG B 101 -20.26 -21.01 -23.78
C ARG B 101 -20.89 -19.64 -23.86
N LEU B 102 -20.78 -18.86 -22.77
CA LEU B 102 -21.38 -17.54 -22.74
C LEU B 102 -20.65 -16.53 -23.63
N SER B 103 -19.33 -16.69 -23.77
CA SER B 103 -18.54 -15.77 -24.60
C SER B 103 -18.43 -16.33 -26.00
N ASP B 104 -18.62 -17.64 -26.12
CA ASP B 104 -18.52 -18.32 -27.42
C ASP B 104 -17.10 -18.21 -27.94
N SER B 105 -16.17 -18.58 -27.07
CA SER B 105 -14.75 -18.53 -27.38
C SER B 105 -14.13 -19.83 -26.86
N VAL B 106 -12.97 -20.21 -27.40
CA VAL B 106 -12.31 -21.39 -26.90
C VAL B 106 -11.71 -20.95 -25.56
N VAL B 107 -11.59 -21.86 -24.61
CA VAL B 107 -11.01 -21.51 -23.34
C VAL B 107 -9.99 -22.60 -23.10
N VAL B 108 -8.76 -22.21 -22.83
CA VAL B 108 -7.75 -23.21 -22.59
C VAL B 108 -7.28 -22.98 -21.15
N SER B 109 -7.78 -23.82 -20.24
CA SER B 109 -7.43 -23.68 -18.82
C SER B 109 -6.08 -24.33 -18.59
N VAL B 110 -5.24 -23.60 -17.96
CA VAL B 110 -3.85 -24.00 -17.79
C VAL B 110 -3.40 -24.47 -16.41
N ASP B 111 -2.94 -25.69 -16.36
CA ASP B 111 -2.51 -26.26 -15.11
C ASP B 111 -1.06 -25.91 -14.82
N TYR B 112 -0.82 -24.61 -14.71
CA TYR B 112 0.52 -24.12 -14.42
C TYR B 112 1.04 -24.80 -13.17
N ARG B 113 2.37 -24.82 -13.01
CA ARG B 113 3.00 -25.48 -11.86
C ARG B 113 2.88 -24.71 -10.55
N LEU B 114 2.78 -25.50 -9.48
CA LEU B 114 2.43 -24.92 -8.18
C LEU B 114 3.43 -24.96 -7.07
N ALA B 115 3.34 -23.56 -6.36
CA ALA B 115 4.12 -23.72 -5.23
C ALA B 115 3.65 -24.50 -3.99
N PRO B 116 5.33 -24.43 -3.53
CA PRO B 116 6.64 -24.52 -2.84
C PRO B 116 7.44 -25.51 -3.77
N GLU B 117 6.80 -26.44 -4.56
CA GLU B 117 7.51 -27.39 -5.51
C GLU B 117 8.20 -26.62 -6.65
N TYR B 118 7.41 -25.81 -7.31
CA TYR B 118 7.92 -24.97 -8.35
C TYR B 118 7.69 -23.52 -7.93
N LYS B 119 8.76 -22.87 -7.41
CA LYS B 119 8.67 -21.48 -6.92
C LYS B 119 8.63 -20.36 -7.99
N PHE B 120 8.29 -19.14 -7.57
CA PHE B 120 8.15 -17.91 -8.42
C PHE B 120 9.17 -17.76 -9.60
N PRO B 121 8.62 -17.09 -10.79
CA PRO B 121 9.15 -17.24 -12.19
C PRO B 121 8.28 -18.32 -12.97
N THR B 122 8.41 -19.64 -12.39
CA THR B 122 7.76 -20.92 -12.92
C THR B 122 6.30 -20.77 -13.39
N ALA B 123 5.41 -20.61 -12.43
CA ALA B 123 4.00 -20.35 -12.73
C ALA B 123 3.88 -19.29 -13.81
N VAL B 124 4.58 -18.18 -13.60
CA VAL B 124 4.56 -17.09 -14.56
C VAL B 124 5.09 -17.52 -15.93
N GLU B 125 6.13 -18.35 -15.93
CA GLU B 125 6.72 -18.82 -17.20
C GLU B 125 5.84 -19.79 -17.97
N ASP B 126 5.11 -20.66 -17.28
CA ASP B 126 4.24 -21.60 -17.98
C ASP B 126 3.02 -20.86 -18.50
N ALA B 127 2.52 -19.93 -17.71
CA ALA B 127 1.37 -19.13 -18.11
C ALA B 127 1.72 -18.43 -19.41
N TYR B 128 2.96 -17.98 -19.50
CA TYR B 128 3.39 -17.31 -20.72
C TYR B 128 3.55 -18.30 -21.87
N ALA B 129 4.24 -19.41 -21.61
CA ALA B 129 4.47 -20.44 -22.62
C ALA B 129 3.12 -20.91 -23.16
N ALA B 130 2.18 -21.10 -22.25
CA ALA B 130 0.82 -21.55 -22.56
C ALA B 130 0.24 -20.61 -23.58
N LEU B 131 0.14 -19.37 -23.18
CA LEU B 131 -0.30 -18.38 -24.08
C LEU B 131 0.36 -18.59 -25.46
N LYS B 132 1.71 -18.51 -25.56
CA LYS B 132 2.46 -18.68 -26.83
C LYS B 132 2.05 -19.95 -27.58
N TRP B 133 2.02 -21.07 -26.85
CA TRP B 133 1.61 -22.37 -27.40
C TRP B 133 0.24 -22.30 -28.05
N VAL B 134 -0.66 -21.60 -27.33
CA VAL B 134 -2.00 -21.44 -27.85
C VAL B 134 -1.96 -20.65 -29.16
N ALA B 135 -1.14 -19.62 -29.39
CA ALA B 135 -1.18 -18.88 -30.68
C ALA B 135 -0.48 -19.66 -31.82
N ASP B 136 0.69 -20.28 -31.52
CA ASP B 136 1.33 -21.08 -32.56
C ASP B 136 0.49 -22.34 -32.96
N ARG B 137 -0.35 -22.96 -32.10
CA ARG B 137 -1.04 -24.25 -32.48
C ARG B 137 -2.49 -24.03 -32.72
N ALA B 138 -2.73 -22.81 -33.15
CA ALA B 138 -4.02 -22.26 -33.28
C ALA B 138 -4.83 -22.76 -34.47
N ASP B 139 -4.14 -23.10 -35.57
CA ASP B 139 -4.84 -23.70 -36.72
C ASP B 139 -5.41 -24.97 -36.18
N GLU B 140 -4.54 -25.77 -35.56
CA GLU B 140 -4.93 -27.03 -34.92
C GLU B 140 -6.19 -26.82 -34.07
N LEU B 141 -6.07 -26.02 -33.02
CA LEU B 141 -7.18 -25.74 -32.11
C LEU B 141 -8.37 -25.08 -32.80
N GLY B 142 -8.20 -24.67 -34.06
CA GLY B 142 -9.29 -24.02 -34.77
C GLY B 142 -9.61 -22.65 -34.18
N VAL B 143 -8.57 -21.95 -33.77
CA VAL B 143 -8.71 -20.63 -33.15
C VAL B 143 -8.15 -19.47 -33.97
N ASP B 144 -8.76 -18.30 -33.83
CA ASP B 144 -8.26 -17.15 -34.57
C ASP B 144 -7.04 -16.53 -33.86
N PRO B 145 -5.93 -16.44 -34.40
CA PRO B 145 -4.70 -15.85 -33.87
C PRO B 145 -4.75 -14.40 -33.41
N ASP B 146 -5.42 -13.56 -34.19
CA ASP B 146 -5.53 -12.14 -33.90
C ASP B 146 -6.61 -11.83 -32.87
N ARG B 147 -7.18 -12.88 -32.30
CA ARG B 147 -8.27 -12.72 -31.33
C ARG B 147 -8.10 -13.60 -30.11
N ILE B 148 -7.18 -13.23 -29.23
CA ILE B 148 -6.93 -14.01 -28.01
C ILE B 148 -6.92 -13.14 -26.76
N ALA B 149 -7.52 -13.64 -25.68
CA ALA B 149 -7.58 -12.93 -24.40
C ALA B 149 -6.97 -13.79 -23.29
N VAL B 150 -6.76 -13.18 -22.13
CA VAL B 150 -6.20 -13.88 -20.99
C VAL B 150 -7.07 -13.54 -19.79
N ALA B 151 -7.51 -14.54 -19.06
CA ALA B 151 -8.34 -14.29 -17.89
C ALA B 151 -7.77 -15.10 -16.76
N GLY B 152 -8.19 -14.78 -15.54
CA GLY B 152 -7.70 -15.51 -14.38
C GLY B 152 -8.31 -14.93 -13.12
N ASP B 153 -8.44 -15.77 -12.09
CA ASP B 153 -9.00 -15.31 -10.81
C ASP B 153 -7.93 -15.38 -9.72
N SER B 154 -7.91 -14.51 -8.69
CA SER B 154 -6.94 -14.48 -7.59
C SER B 154 -5.51 -14.64 -8.14
N ALA B 155 -4.75 -15.51 -7.78
CA ALA B 155 -3.38 -15.74 -8.25
C ALA B 155 -3.39 -15.91 -9.76
N GLY B 156 -4.54 -16.30 -10.28
CA GLY B 156 -4.67 -16.48 -11.71
C GLY B 156 -4.77 -15.14 -12.40
N GLY B 157 -5.39 -14.17 -11.72
CA GLY B 157 -5.54 -12.84 -12.29
C GLY B 157 -4.18 -12.21 -12.41
N ASN B 158 -3.36 -12.50 -11.40
CA ASN B 158 -1.98 -12.03 -11.31
C ASN B 158 -1.25 -12.52 -12.55
N LEU B 159 -1.28 -13.84 -12.76
CA LEU B 159 -0.64 -14.46 -13.91
C LEU B 159 -1.19 -13.88 -15.21
N ALA B 160 -2.50 -13.65 -15.26
CA ALA B 160 -3.10 -13.08 -16.45
C ALA B 160 -2.52 -11.69 -16.69
N ALA B 161 -2.34 -10.88 -15.53
CA ALA B 161 -1.78 -9.54 -15.62
C ALA B 161 -0.32 -9.57 -16.03
N VAL B 162 0.44 -10.48 -15.33
CA VAL B 162 1.84 -10.55 -15.70
C VAL B 162 1.96 -11.02 -17.14
N VAL B 163 1.19 -12.03 -17.53
CA VAL B 163 1.35 -12.55 -18.86
C VAL B 163 1.14 -11.40 -19.85
N SER B 164 0.17 -10.57 -19.52
CA SER B 164 -0.08 -9.42 -20.37
C SER B 164 1.13 -8.49 -20.35
N ILE B 165 1.97 -8.52 -19.36
CA ILE B 165 3.04 -7.54 -19.50
C ILE B 165 4.20 -8.13 -20.29
N LEU B 166 4.24 -9.44 -20.29
CA LEU B 166 5.29 -10.14 -21.01
C LEU B 166 4.98 -10.00 -22.49
N ASP B 167 3.69 -10.13 -22.83
CA ASP B 167 3.31 -9.97 -24.22
C ASP B 167 3.64 -8.55 -24.66
N ARG B 168 3.40 -7.57 -23.78
CA ARG B 168 3.71 -6.22 -24.14
C ARG B 168 5.21 -6.13 -24.42
N ASN B 169 6.03 -6.31 -23.38
CA ASN B 169 7.49 -6.23 -23.53
C ASN B 169 8.01 -6.98 -24.77
N SER B 170 7.56 -8.25 -24.95
CA SER B 170 7.93 -9.06 -26.08
C SER B 170 7.53 -8.38 -27.41
N GLY B 171 6.41 -7.62 -27.46
CA GLY B 171 6.01 -6.92 -28.68
C GLY B 171 5.27 -7.81 -29.67
N GLU B 172 4.93 -9.03 -29.27
CA GLU B 172 4.23 -9.96 -30.16
C GLU B 172 2.71 -9.71 -30.28
N LYS B 173 2.17 -8.87 -29.39
CA LYS B 173 0.75 -8.50 -29.39
C LYS B 173 -0.27 -9.63 -29.44
N LEU B 174 -0.01 -10.68 -28.68
CA LEU B 174 -0.89 -11.84 -28.64
C LEU B 174 -2.16 -11.61 -27.82
N VAL B 175 -2.00 -10.73 -26.80
CA VAL B 175 -3.12 -10.44 -25.91
C VAL B 175 -3.93 -9.21 -26.36
N LYS B 176 -5.24 -9.46 -26.60
CA LYS B 176 -6.10 -8.36 -27.05
C LYS B 176 -7.01 -7.83 -25.95
N LYS B 177 -7.18 -8.61 -24.89
CA LYS B 177 -8.04 -8.20 -23.80
C LYS B 177 -7.68 -8.98 -22.54
N GLN B 178 -7.95 -8.40 -21.38
CA GLN B 178 -7.67 -9.14 -20.18
C GLN B 178 -8.80 -9.06 -19.18
N VAL B 179 -9.07 -10.15 -18.49
CA VAL B 179 -10.12 -10.14 -17.49
C VAL B 179 -9.48 -10.55 -16.16
N LEU B 180 -9.19 -9.57 -15.33
CA LEU B 180 -8.66 -9.79 -14.00
C LEU B 180 -9.86 -9.89 -13.01
N ILE B 181 -10.10 -11.11 -12.54
CA ILE B 181 -11.12 -11.46 -11.52
C ILE B 181 -10.38 -11.53 -10.21
N TYR B 182 -10.67 -10.63 -9.29
CA TYR B 182 -9.97 -10.53 -7.99
C TYR B 182 -8.48 -10.87 -7.98
N PRO B 183 -7.69 -10.13 -8.78
CA PRO B 183 -6.27 -10.30 -8.86
C PRO B 183 -5.56 -9.82 -7.61
N VAL B 184 -4.52 -10.54 -7.26
CA VAL B 184 -3.60 -10.12 -6.28
C VAL B 184 -2.53 -9.45 -7.14
N VAL B 185 -2.30 -8.17 -6.97
CA VAL B 185 -1.29 -7.50 -7.81
C VAL B 185 -0.12 -6.97 -7.01
N ASN B 186 -0.21 -7.05 -5.70
CA ASN B 186 0.86 -6.58 -4.82
C ASN B 186 1.26 -7.69 -3.84
N MSE B 187 2.43 -8.28 -4.01
CA MSE B 187 2.85 -9.35 -3.08
C MSE B 187 3.88 -8.82 -2.10
O MSE B 187 4.50 -9.58 -1.36
CB MSE B 187 3.33 -10.57 -3.86
CG MSE B 187 2.21 -11.23 -4.65
SE MSE B 187 2.74 -12.96 -5.37
CE MSE B 187 3.15 -13.87 -3.70
N THR B 188 4.08 -7.47 -2.12
CA THR B 188 5.05 -6.85 -1.19
C THR B 188 4.54 -6.93 0.25
N GLY B 189 5.10 -6.07 1.09
CA GLY B 189 4.75 -6.03 2.49
C GLY B 189 4.05 -4.73 2.81
N VAL B 190 3.88 -3.95 1.79
CA VAL B 190 3.17 -2.71 1.95
C VAL B 190 1.70 -3.01 1.77
N PRO B 191 1.00 -3.18 2.89
CA PRO B 191 -0.42 -3.49 2.94
C PRO B 191 -1.31 -2.39 2.41
N THR B 192 -2.48 -2.81 2.12
CA THR B 192 -3.51 -1.93 1.64
C THR B 192 -4.48 -1.72 2.83
N ALA B 193 -5.47 -0.69 2.82
CA ALA B 193 -6.39 -0.57 3.94
C ALA B 193 -7.38 -1.73 3.87
N SER B 194 -7.81 -2.11 2.66
CA SER B 194 -8.74 -3.24 2.54
C SER B 194 -8.02 -4.57 2.80
N LEU B 195 -6.83 -4.50 2.56
CA LEU B 195 -6.07 -5.71 2.80
C LEU B 195 -6.17 -6.05 4.28
N VAL B 196 -5.84 -5.09 5.10
CA VAL B 196 -5.84 -5.26 6.53
C VAL B 196 -7.25 -5.43 7.03
N GLU B 197 -8.15 -4.56 6.57
CA GLU B 197 -9.55 -4.59 7.00
C GLU B 197 -10.26 -5.95 6.82
N PHE B 198 -10.16 -6.53 5.63
CA PHE B 198 -10.85 -7.78 5.30
C PHE B 198 -9.93 -8.96 5.49
N GLY B 199 -8.70 -8.66 5.86
CA GLY B 199 -7.75 -9.76 6.10
C GLY B 199 -7.81 -10.22 7.51
N VAL B 200 -8.36 -9.36 8.33
CA VAL B 200 -8.38 -9.61 9.73
C VAL B 200 -9.77 -9.89 10.29
N ALA B 201 -10.72 -9.49 9.55
CA ALA B 201 -12.04 -9.64 10.09
C ALA B 201 -12.38 -11.04 10.52
N GLU B 202 -13.49 -11.15 11.29
CA GLU B 202 -13.95 -12.45 11.82
C GLU B 202 -14.90 -13.16 10.82
N THR B 203 -14.91 -12.70 9.61
CA THR B 203 -15.70 -13.32 8.57
C THR B 203 -14.99 -13.19 7.25
N THR B 204 -13.99 -12.98 6.95
CA THR B 204 -13.28 -13.34 5.73
C THR B 204 -13.04 -14.84 5.66
N SER B 205 -12.89 -14.96 4.27
CA SER B 205 -12.55 -15.98 3.26
C SER B 205 -11.14 -15.84 2.68
N LEU B 206 -10.33 -14.93 3.22
CA LEU B 206 -8.94 -14.78 2.77
C LEU B 206 -8.09 -14.26 3.93
N PRO B 207 -7.96 -15.05 5.00
CA PRO B 207 -7.21 -14.67 6.19
C PRO B 207 -5.88 -14.05 5.87
N ILE B 208 -5.49 -13.01 6.62
CA ILE B 208 -4.23 -12.39 6.36
C ILE B 208 -3.11 -13.35 6.66
N GLU B 209 -3.30 -14.27 7.55
CA GLU B 209 -2.28 -15.23 7.87
C GLU B 209 -2.01 -16.19 6.70
N LEU B 210 -3.06 -16.46 5.99
CA LEU B 210 -2.98 -17.35 4.88
C LEU B 210 -2.31 -16.70 3.65
N MSE B 211 -2.48 -15.39 3.51
CA MSE B 211 -1.88 -14.68 2.37
C MSE B 211 -0.35 -14.57 2.58
O MSE B 211 0.46 -14.89 1.69
CB MSE B 211 -2.46 -13.26 2.22
CG MSE B 211 -3.88 -13.19 1.66
SE MSE B 211 -4.61 -11.39 1.61
CE MSE B 211 -4.60 -11.01 3.52
N VAL B 212 0.05 -14.15 3.77
CA VAL B 212 1.44 -14.11 4.19
C VAL B 212 2.06 -15.53 3.94
N TRP B 213 1.25 -16.65 4.15
CA TRP B 213 1.64 -18.06 3.91
C TRP B 213 1.88 -18.29 2.44
N PHE B 214 0.87 -17.97 1.62
CA PHE B 214 1.00 -18.09 0.18
C PHE B 214 2.36 -17.51 -0.19
N GLY B 215 2.56 -16.24 0.14
CA GLY B 215 3.81 -15.55 -0.16
C GLY B 215 5.06 -16.35 0.14
N ARG B 216 5.10 -16.94 1.34
CA ARG B 216 6.26 -17.72 1.74
C ARG B 216 6.46 -18.97 0.89
N GLN B 217 5.38 -19.68 0.62
CA GLN B 217 5.49 -20.90 -0.18
C GLN B 217 5.87 -20.66 -1.64
N TYR B 218 5.63 -19.44 -2.11
CA TYR B 218 5.85 -19.10 -3.52
C TYR B 218 7.12 -18.34 -3.86
N LEU B 219 7.43 -17.33 -3.11
CA LEU B 219 8.65 -16.57 -3.32
C LEU B 219 9.78 -17.25 -2.58
N LYS B 220 10.94 -17.37 -3.23
CA LYS B 220 12.13 -17.90 -2.64
C LYS B 220 12.55 -16.95 -1.52
N ARG B 221 13.15 -15.87 -1.97
CA ARG B 221 13.57 -14.74 -1.15
C ARG B 221 12.41 -13.78 -1.18
N PRO B 222 12.26 -12.82 -0.24
CA PRO B 222 11.01 -11.98 -0.31
C PRO B 222 11.10 -10.62 -1.06
N GLU B 223 12.27 -10.25 -1.66
CA GLU B 223 12.33 -9.02 -2.44
C GLU B 223 11.88 -9.37 -3.85
N GLU B 224 11.74 -10.67 -4.05
CA GLU B 224 11.23 -11.18 -5.29
C GLU B 224 9.87 -10.57 -5.44
N ALA B 225 9.28 -10.24 -4.30
CA ALA B 225 7.97 -9.65 -4.29
C ALA B 225 8.05 -8.27 -4.95
N TYR B 226 9.19 -7.60 -4.88
CA TYR B 226 9.27 -6.28 -5.51
C TYR B 226 9.48 -6.34 -6.99
N ASP B 227 9.57 -7.57 -7.49
CA ASP B 227 9.74 -7.78 -8.92
C ASP B 227 8.39 -7.62 -9.60
N PHE B 228 8.39 -7.16 -10.85
CA PHE B 228 7.14 -6.93 -11.56
C PHE B 228 6.37 -8.17 -11.94
N LYS B 229 7.03 -9.32 -11.95
CA LYS B 229 6.34 -10.53 -12.32
C LYS B 229 5.63 -11.12 -11.14
N ALA B 230 6.03 -10.66 -9.95
CA ALA B 230 5.43 -11.12 -8.69
C ALA B 230 4.33 -10.12 -8.34
N SER B 231 4.68 -8.85 -8.40
CA SER B 231 3.76 -7.74 -8.10
C SER B 231 3.56 -6.89 -9.35
N PRO B 232 2.61 -7.29 -10.20
CA PRO B 232 2.31 -6.57 -11.45
C PRO B 232 2.06 -5.04 -11.33
N LEU B 233 1.48 -4.61 -10.20
CA LEU B 233 1.16 -3.19 -9.94
C LEU B 233 2.39 -2.29 -9.77
N LEU B 234 3.53 -2.86 -9.37
CA LEU B 234 4.73 -2.05 -9.20
C LEU B 234 5.34 -1.71 -10.57
N ALA B 235 4.81 -2.32 -11.62
CA ALA B 235 5.31 -2.12 -12.97
C ALA B 235 4.72 -0.90 -13.66
N ASP B 236 5.37 -0.43 -14.72
CA ASP B 236 4.81 0.68 -15.47
C ASP B 236 3.71 -0.01 -16.28
N LEU B 237 2.51 0.54 -16.23
CA LEU B 237 1.38 -0.07 -16.89
C LEU B 237 0.90 0.60 -18.17
N GLY B 238 1.81 1.29 -18.84
CA GLY B 238 1.43 1.94 -20.08
C GLY B 238 1.56 0.90 -21.19
N GLY B 239 0.77 1.07 -22.24
CA GLY B 239 0.86 0.14 -23.36
C GLY B 239 0.30 -1.29 -23.19
N LEU B 240 -0.70 -1.47 -22.34
CA LEU B 240 -1.27 -2.78 -22.13
C LEU B 240 -2.64 -2.99 -22.80
N PRO B 241 -3.03 -4.26 -23.01
CA PRO B 241 -4.32 -4.57 -23.65
C PRO B 241 -5.49 -4.15 -22.73
N PRO B 242 -6.65 -3.80 -23.32
CA PRO B 242 -7.84 -3.39 -22.54
C PRO B 242 -8.11 -4.38 -21.44
N ALA B 243 -8.43 -3.88 -20.25
CA ALA B 243 -8.67 -4.74 -19.12
C ALA B 243 -9.99 -4.50 -18.40
N LEU B 244 -10.56 -5.59 -17.93
CA LEU B 244 -11.80 -5.61 -17.15
C LEU B 244 -11.37 -6.19 -15.81
N VAL B 245 -11.46 -5.42 -14.73
CA VAL B 245 -11.08 -5.95 -13.42
C VAL B 245 -12.30 -5.99 -12.52
N VAL B 246 -12.53 -7.13 -11.90
CA VAL B 246 -13.66 -7.31 -11.05
C VAL B 246 -13.23 -7.42 -9.63
N THR B 247 -13.96 -6.66 -8.76
CA THR B 247 -13.68 -6.71 -7.31
C THR B 247 -14.89 -7.05 -6.47
N ALA B 248 -14.55 -7.46 -5.27
CA ALA B 248 -15.52 -7.85 -4.25
C ALA B 248 -15.44 -6.86 -3.08
N GLU B 249 -16.59 -6.31 -2.69
CA GLU B 249 -16.62 -5.33 -1.59
C GLU B 249 -15.88 -5.79 -0.34
N TYR B 250 -15.99 -7.06 0.00
CA TYR B 250 -15.36 -7.56 1.21
C TYR B 250 -14.15 -8.45 0.98
N ASP B 251 -13.32 -8.03 0.04
CA ASP B 251 -12.14 -8.77 -0.34
C ASP B 251 -10.87 -8.01 0.00
N PRO B 252 -9.94 -8.65 0.71
CA PRO B 252 -8.69 -7.95 1.03
C PRO B 252 -7.95 -7.43 -0.20
N LEU B 253 -8.14 -8.08 -1.34
CA LEU B 253 -7.46 -7.67 -2.58
C LEU B 253 -8.17 -6.55 -3.33
N ARG B 254 -9.30 -6.08 -2.80
CA ARG B 254 -10.08 -5.05 -3.44
C ARG B 254 -9.32 -3.77 -3.83
N ASP B 255 -8.72 -3.10 -2.85
CA ASP B 255 -7.99 -1.87 -3.12
C ASP B 255 -6.91 -2.08 -4.18
N GLU B 256 -6.11 -3.14 -4.05
CA GLU B 256 -5.07 -3.37 -5.03
C GLU B 256 -5.65 -3.63 -6.43
N GLY B 257 -6.62 -4.52 -6.51
CA GLY B 257 -7.22 -4.82 -7.81
C GLY B 257 -7.70 -3.53 -8.43
N GLU B 258 -8.44 -2.66 -7.79
CA GLU B 258 -8.99 -1.40 -8.23
C GLU B 258 -7.91 -0.34 -8.52
N LEU B 259 -6.73 -0.53 -7.66
CA LEU B 259 -5.63 0.39 -7.91
C LEU B 259 -4.94 -0.04 -9.22
N TYR B 260 -4.96 -1.34 -9.52
CA TYR B 260 -4.31 -1.81 -10.73
C TYR B 260 -4.97 -1.11 -11.90
N ALA B 261 -6.28 -1.16 -11.91
CA ALA B 261 -7.06 -0.53 -12.98
C ALA B 261 -6.78 0.97 -13.09
N TYR B 262 -6.82 1.70 -11.97
CA TYR B 262 -6.57 3.13 -12.03
C TYR B 262 -5.26 3.41 -12.74
N LYS B 263 -4.22 2.73 -12.28
CA LYS B 263 -2.87 2.90 -12.81
C LYS B 263 -2.74 2.64 -14.32
N MSE B 264 -3.42 1.60 -14.81
CA MSE B 264 -3.37 1.26 -16.22
C MSE B 264 -3.93 2.43 -16.99
O MSE B 264 -3.34 2.93 -17.94
CB MSE B 264 -4.24 0.03 -16.54
CG MSE B 264 -3.77 -1.26 -15.90
SE MSE B 264 -4.58 -2.80 -16.76
CE MSE B 264 -6.20 -1.89 -17.36
N LYS B 265 -5.11 2.86 -16.55
CA LYS B 265 -5.81 3.97 -17.16
C LYS B 265 -5.02 5.28 -17.09
N ALA B 266 -4.33 5.52 -15.98
CA ALA B 266 -3.54 6.74 -15.83
C ALA B 266 -2.32 6.71 -16.78
N SER B 267 -1.84 5.52 -17.06
CA SER B 267 -0.69 5.31 -17.92
C SER B 267 -1.12 5.10 -19.36
N GLY B 268 -2.36 5.42 -19.67
CA GLY B 268 -2.85 5.30 -21.03
C GLY B 268 -3.41 3.96 -21.45
N SER B 269 -3.48 2.99 -20.54
CA SER B 269 -4.02 1.69 -20.92
C SER B 269 -5.48 1.69 -20.49
N ARG B 270 -6.36 1.18 -21.33
CA ARG B 270 -7.78 1.15 -20.99
C ARG B 270 -8.08 0.13 -19.91
N ALA B 271 -8.96 0.52 -18.99
CA ALA B 271 -9.37 -0.30 -17.85
C ALA B 271 -10.72 0.09 -17.26
N VAL B 272 -11.49 -0.91 -16.87
CA VAL B 272 -12.75 -0.69 -16.22
C VAL B 272 -12.74 -1.60 -14.99
N ALA B 273 -13.08 -1.01 -13.85
CA ALA B 273 -13.14 -1.75 -12.59
C ALA B 273 -14.57 -1.75 -12.05
N VAL B 274 -15.10 -2.94 -11.87
CA VAL B 274 -16.44 -3.14 -11.37
C VAL B 274 -16.33 -3.87 -10.04
N ARG B 275 -17.01 -3.33 -9.02
CA ARG B 275 -16.98 -3.93 -7.70
C ARG B 275 -18.37 -4.41 -7.27
N PHE B 276 -18.48 -5.70 -6.94
CA PHE B 276 -19.76 -6.28 -6.53
C PHE B 276 -19.98 -6.17 -5.04
N ALA B 277 -21.15 -5.67 -4.66
CA ALA B 277 -21.49 -5.49 -3.27
C ALA B 277 -21.74 -6.79 -2.55
N GLY B 278 -21.47 -6.77 -1.25
CA GLY B 278 -21.70 -7.92 -0.39
C GLY B 278 -20.94 -9.20 -0.66
N MSE B 279 -20.10 -9.20 -1.68
CA MSE B 279 -19.37 -10.42 -2.01
C MSE B 279 -18.06 -10.51 -1.27
O MSE B 279 -17.54 -9.51 -0.77
CB MSE B 279 -19.09 -10.49 -3.52
CG MSE B 279 -20.32 -10.72 -4.37
SE MSE B 279 -21.01 -12.30 -4.01
CE MSE B 279 -22.24 -11.87 -2.82
N VAL B 280 -17.51 -11.72 -1.20
CA VAL B 280 -16.24 -11.94 -0.55
C VAL B 280 -15.28 -12.48 -1.62
N HIS B 281 -14.01 -12.61 -1.27
CA HIS B 281 -13.02 -13.12 -2.20
C HIS B 281 -13.43 -14.50 -2.72
N GLY B 282 -13.12 -14.79 -3.95
CA GLY B 282 -13.38 -16.06 -4.61
C GLY B 282 -14.87 -16.37 -4.87
N PHE B 283 -15.72 -15.36 -4.89
CA PHE B 283 -17.17 -15.61 -5.05
C PHE B 283 -17.64 -16.10 -6.42
N VAL B 284 -16.98 -15.75 -7.50
CA VAL B 284 -17.44 -16.21 -8.80
C VAL B 284 -17.41 -17.74 -8.79
N SER B 285 -16.41 -18.26 -8.06
CA SER B 285 -16.16 -19.68 -7.95
C SER B 285 -17.39 -20.45 -7.41
N PHE B 286 -18.20 -19.77 -6.59
CA PHE B 286 -19.43 -20.35 -6.02
C PHE B 286 -20.60 -19.83 -6.84
N TYR B 287 -20.36 -19.45 -8.09
CA TYR B 287 -21.45 -18.95 -8.90
C TYR B 287 -22.75 -19.79 -8.92
N PRO B 288 -22.67 -21.16 -9.15
CA PRO B 288 -23.94 -21.90 -9.25
C PRO B 288 -24.78 -21.67 -7.96
N PHE B 289 -24.11 -21.13 -6.90
CA PHE B 289 -24.78 -20.95 -5.56
C PHE B 289 -24.96 -19.49 -5.10
N VAL B 290 -24.24 -18.56 -5.77
CA VAL B 290 -24.40 -17.14 -5.47
C VAL B 290 -24.59 -16.38 -6.78
N ASP B 291 -25.73 -15.66 -6.76
CA ASP B 291 -26.25 -14.81 -7.85
C ASP B 291 -25.23 -13.82 -8.34
N ALA B 292 -24.54 -13.15 -7.42
CA ALA B 292 -23.55 -12.18 -7.83
C ALA B 292 -22.44 -12.81 -8.68
N GLY B 293 -22.11 -14.08 -8.43
CA GLY B 293 -21.08 -14.74 -9.21
C GLY B 293 -21.59 -15.08 -10.61
N ARG B 294 -22.91 -15.11 -10.74
CA ARG B 294 -23.54 -15.41 -12.00
C ARG B 294 -23.43 -14.15 -12.85
N GLU B 295 -23.91 -13.05 -12.27
CA GLU B 295 -23.87 -11.76 -12.95
C GLU B 295 -22.43 -11.40 -13.33
N ALA B 296 -21.46 -11.84 -12.53
CA ALA B 296 -20.05 -11.54 -12.82
C ALA B 296 -19.48 -12.39 -13.97
N LEU B 297 -19.84 -13.66 -14.05
CA LEU B 297 -19.33 -14.46 -15.16
C LEU B 297 -19.98 -13.97 -16.44
N ASP B 298 -21.27 -13.66 -16.35
CA ASP B 298 -22.03 -13.18 -17.48
C ASP B 298 -21.37 -11.91 -18.05
N LEU B 299 -20.79 -11.13 -17.15
CA LEU B 299 -20.10 -9.91 -17.54
C LEU B 299 -18.74 -10.20 -18.12
N ALA B 300 -18.00 -11.10 -17.47
CA ALA B 300 -16.69 -11.46 -17.96
C ALA B 300 -16.85 -11.83 -19.43
N ALA B 301 -17.76 -12.76 -19.69
CA ALA B 301 -18.02 -13.25 -21.04
C ALA B 301 -18.36 -12.16 -22.04
N ALA B 302 -19.32 -11.32 -21.69
CA ALA B 302 -19.75 -10.22 -22.54
C ALA B 302 -18.58 -9.28 -22.79
N SER B 303 -17.70 -9.16 -21.81
CA SER B 303 -16.55 -8.29 -21.96
C SER B 303 -15.59 -8.95 -22.95
N ILE B 304 -15.36 -10.24 -22.80
CA ILE B 304 -14.47 -10.96 -23.72
C ILE B 304 -15.04 -10.92 -25.13
N ARG B 305 -16.32 -11.26 -25.25
CA ARG B 305 -16.96 -11.25 -26.56
C ARG B 305 -16.81 -9.92 -27.28
N SER B 306 -17.11 -8.81 -26.63
CA SER B 306 -16.96 -7.54 -27.32
C SER B 306 -15.49 -7.21 -27.56
N GLY B 307 -14.65 -7.62 -26.63
CA GLY B 307 -13.23 -7.35 -26.75
C GLY B 307 -12.55 -8.07 -27.91
N LEU B 308 -13.11 -9.21 -28.31
CA LEU B 308 -12.53 -10.01 -29.39
C LEU B 308 -13.20 -9.91 -30.76
N GLN B 309 -14.14 -8.97 -30.89
CA GLN B 309 -14.86 -8.74 -32.13
C GLN B 309 -13.84 -8.25 -33.13
N PRO B 310 -13.80 -8.85 -34.32
CA PRO B 310 -12.80 -8.37 -35.28
C PRO B 310 -12.90 -6.86 -35.55
N SER B 311 -11.96 -6.31 -36.19
#